data_8GFS
#
_entry.id   8GFS
#
_cell.length_a   178.247
_cell.length_b   178.247
_cell.length_c   178.247
_cell.angle_alpha   90.000
_cell.angle_beta   90.000
_cell.angle_gamma   90.000
#
_symmetry.space_group_name_H-M   'I 2 3'
#
loop_
_entity.id
_entity.type
_entity.pdbx_description
1 polymer 'Lytic transglycosylase domain-containing protein'
2 non-polymer (2S,3R,4S,5S)-2-(acetylamino)-5-carboxy-3,4-dihydroxypiperidinium
3 non-polymer 'CITRIC ACID'
4 water water
#
_entity_poly.entity_id   1
_entity_poly.type   'polypeptide(L)'
_entity_poly.pdbx_seq_one_letter_code
;MGSSHHHHHHSSGLVPRGSHMQYSIEKLKKEENSLAKDYYIYRLLEKNKISKKDAQDLNSHIFRYIGKIKSELEKIIPLK
PYINPKYAKCYTYTANTILDANLTCQSVRLNSLVFIASLNSKDRTTLAQTFKNQRPDLTNLLLAFNTSDPMSYIVQKEDI
NGFFKLYNYSKKYDLDLNTSLVNKLPNHIGFKDFAQNIIIKKENPKFRHSMLEINPENVSEDSAFYLGVNALTYDKTELA
YDFFKKAAQSFKSQSNKDNAIFWMWLIKNNEEDLKTLSQSSSLNIYSLYAKELTNTPFPKIESLNPSKKKNNFNMQDPFA
WQKINKQIRDANASQLDVLAKEFDTQETLPIYAYILERKNNFKKHYFIMPYYDNIKDYNKTRQALILAIARQESRFIPTA
ISVSYALGMMQFMPFLANHIGEKELKIPNFDQDFMFKPEIAYYFGNYHLNYLESRLKSPLFVAYAYNGGIGFTNRMLARN
DMFKTGKFEPFLSMELVPYQESRIYGKKVLANYIVYRHLLNDSIKISDIFENLIQNKANDLNKS
;
_entity_poly.pdbx_strand_id   A
#
# COMPACT_ATOMS: atom_id res chain seq x y z
N TYR A 23 11.54 -21.22 20.21
CA TYR A 23 12.89 -20.84 19.74
C TYR A 23 13.54 -19.80 20.68
N SER A 24 14.66 -20.17 21.31
CA SER A 24 15.46 -19.26 22.14
C SER A 24 16.25 -18.28 21.27
N ILE A 25 16.76 -17.22 21.89
CA ILE A 25 17.42 -16.16 21.15
C ILE A 25 18.69 -16.71 20.51
N GLU A 26 19.23 -17.82 21.04
CA GLU A 26 20.47 -18.41 20.55
C GLU A 26 20.24 -19.14 19.23
N LYS A 27 19.17 -19.95 19.18
CA LYS A 27 18.79 -20.72 18.00
C LYS A 27 18.38 -19.77 16.86
N LEU A 28 17.82 -18.61 17.23
CA LEU A 28 17.37 -17.61 16.26
C LEU A 28 18.55 -16.88 15.65
N LYS A 29 19.53 -16.54 16.50
CA LYS A 29 20.73 -15.86 16.03
C LYS A 29 21.38 -16.68 14.93
N LYS A 30 21.20 -18.02 14.92
CA LYS A 30 21.79 -18.94 13.95
C LYS A 30 20.94 -19.07 12.67
N GLU A 31 19.82 -18.36 12.57
CA GLU A 31 19.02 -18.31 11.36
C GLU A 31 19.35 -17.04 10.58
N GLU A 32 19.16 -17.08 9.26
CA GLU A 32 19.33 -15.93 8.39
C GLU A 32 18.33 -14.84 8.80
N ASN A 33 18.73 -13.57 8.63
CA ASN A 33 17.85 -12.43 8.87
C ASN A 33 16.67 -12.57 7.89
N SER A 34 15.45 -12.38 8.42
CA SER A 34 14.21 -12.44 7.66
C SER A 34 13.10 -11.93 8.56
N LEU A 35 11.93 -11.70 7.97
CA LEU A 35 10.77 -11.28 8.75
C LEU A 35 10.32 -12.38 9.73
N ALA A 36 10.58 -13.64 9.41
CA ALA A 36 10.23 -14.75 10.30
C ALA A 36 11.05 -14.63 11.58
N LYS A 37 12.32 -14.31 11.41
CA LYS A 37 13.25 -14.22 12.51
C LYS A 37 12.93 -12.97 13.31
N ASP A 38 12.65 -11.86 12.62
CA ASP A 38 12.13 -10.69 13.31
C ASP A 38 10.91 -11.03 14.17
N TYR A 39 9.97 -11.80 13.59
CA TYR A 39 8.69 -12.08 14.25
C TYR A 39 8.96 -12.73 15.61
N TYR A 40 9.82 -13.76 15.54
CA TYR A 40 10.24 -14.55 16.69
C TYR A 40 11.07 -13.78 17.72
N ILE A 41 11.82 -12.76 17.30
CA ILE A 41 12.56 -11.94 18.24
C ILE A 41 11.58 -11.00 18.94
N TYR A 42 10.65 -10.49 18.15
CA TYR A 42 9.61 -9.63 18.66
C TYR A 42 8.77 -10.39 19.71
N ARG A 43 8.60 -11.70 19.55
CA ARG A 43 7.78 -12.46 20.49
C ARG A 43 8.52 -12.61 21.82
N LEU A 44 9.85 -12.77 21.77
CA LEU A 44 10.68 -12.80 22.96
C LEU A 44 10.62 -11.45 23.66
N LEU A 45 10.78 -10.38 22.89
CA LEU A 45 10.76 -9.04 23.44
C LEU A 45 9.44 -8.78 24.15
N GLU A 46 8.32 -9.21 23.55
CA GLU A 46 7.01 -8.86 24.12
C GLU A 46 6.78 -9.71 25.39
N LYS A 47 7.46 -10.85 25.55
CA LYS A 47 7.43 -11.63 26.78
C LYS A 47 8.57 -11.30 27.76
N ASN A 48 9.37 -10.25 27.50
CA ASN A 48 10.42 -9.76 28.40
C ASN A 48 11.49 -10.82 28.62
N LYS A 49 11.77 -11.64 27.57
CA LYS A 49 12.75 -12.71 27.63
C LYS A 49 14.08 -12.28 26.98
N ILE A 50 14.19 -11.01 26.53
CA ILE A 50 15.44 -10.46 26.03
C ILE A 50 16.05 -9.60 27.15
N SER A 51 17.17 -10.08 27.72
CA SER A 51 17.95 -9.27 28.68
C SER A 51 18.67 -8.11 27.99
N LYS A 52 19.13 -7.15 28.80
CA LYS A 52 20.05 -6.12 28.33
C LYS A 52 21.35 -6.67 27.72
N LYS A 53 21.76 -7.90 28.08
CA LYS A 53 22.96 -8.49 27.49
C LYS A 53 22.66 -9.14 26.15
N ASP A 54 21.52 -9.84 26.06
CA ASP A 54 21.08 -10.45 24.82
C ASP A 54 20.92 -9.34 23.76
N ALA A 55 20.51 -8.16 24.23
CA ALA A 55 20.13 -7.02 23.40
C ALA A 55 21.33 -6.26 22.81
N GLN A 56 22.59 -6.62 23.17
CA GLN A 56 23.74 -5.83 22.75
C GLN A 56 23.87 -5.91 21.22
N ASP A 57 23.94 -7.12 20.67
CA ASP A 57 24.35 -7.30 19.28
C ASP A 57 23.16 -7.35 18.32
N LEU A 58 21.99 -6.83 18.73
CA LEU A 58 20.76 -7.45 18.29
C LEU A 58 20.22 -6.85 16.99
N ASN A 59 20.46 -5.54 16.72
CA ASN A 59 19.95 -4.92 15.49
C ASN A 59 20.68 -5.42 14.24
N SER A 60 21.86 -6.04 14.40
CA SER A 60 22.52 -6.76 13.31
C SER A 60 21.78 -8.08 13.00
N HIS A 61 20.84 -8.48 13.88
CA HIS A 61 20.06 -9.70 13.72
C HIS A 61 18.62 -9.41 13.25
N ILE A 62 18.33 -8.16 12.90
CA ILE A 62 16.99 -7.72 12.57
C ILE A 62 16.93 -7.26 11.12
N PHE A 63 16.06 -7.92 10.32
CA PHE A 63 15.96 -7.73 8.89
C PHE A 63 15.31 -6.39 8.57
N ARG A 64 14.34 -5.96 9.38
CA ARG A 64 13.65 -4.71 9.10
C ARG A 64 13.41 -3.99 10.42
N TYR A 65 14.32 -3.06 10.75
CA TYR A 65 14.39 -2.43 12.04
C TYR A 65 13.45 -1.23 12.05
N ILE A 66 12.13 -1.52 12.08
CA ILE A 66 11.10 -0.49 11.91
C ILE A 66 9.87 -0.87 12.75
N GLY A 67 9.18 0.15 13.29
CA GLY A 67 7.96 -0.02 14.04
C GLY A 67 8.20 -0.77 15.36
N LYS A 68 7.25 -1.64 15.72
CA LYS A 68 7.14 -2.26 17.04
C LYS A 68 8.45 -2.90 17.49
N ILE A 69 9.18 -3.62 16.62
CA ILE A 69 10.33 -4.35 17.11
C ILE A 69 11.41 -3.37 17.55
N LYS A 70 11.45 -2.18 16.92
CA LYS A 70 12.44 -1.15 17.20
C LYS A 70 12.01 -0.34 18.43
N SER A 71 10.72 -0.02 18.58
CA SER A 71 10.26 0.62 19.81
C SER A 71 10.59 -0.27 21.03
N GLU A 72 10.43 -1.60 20.87
CA GLU A 72 10.59 -2.55 21.96
C GLU A 72 12.05 -2.75 22.33
N LEU A 73 12.91 -2.85 21.30
CA LEU A 73 14.33 -3.01 21.54
C LEU A 73 14.89 -1.73 22.19
N GLU A 74 14.22 -0.59 21.95
CA GLU A 74 14.73 0.69 22.41
C GLU A 74 14.30 0.99 23.84
N LYS A 75 13.34 0.23 24.37
CA LYS A 75 13.01 0.28 25.78
C LYS A 75 14.16 -0.35 26.57
N ILE A 76 14.88 -1.30 25.95
CA ILE A 76 15.97 -2.02 26.61
C ILE A 76 17.31 -1.28 26.39
N ILE A 77 17.63 -0.92 25.14
CA ILE A 77 18.86 -0.23 24.80
C ILE A 77 18.54 1.00 23.95
N PRO A 78 18.29 2.18 24.58
CA PRO A 78 17.79 3.34 23.84
C PRO A 78 18.89 3.88 22.93
N LEU A 79 18.88 3.55 21.63
CA LEU A 79 20.01 3.91 20.77
C LEU A 79 20.16 5.43 20.76
N LYS A 80 21.42 5.85 20.95
CA LYS A 80 21.80 7.26 21.06
C LYS A 80 21.80 7.87 19.67
N PRO A 81 22.70 7.46 18.74
CA PRO A 81 22.78 8.06 17.40
C PRO A 81 21.44 8.54 16.81
N TYR A 82 21.46 9.16 15.63
CA TYR A 82 22.64 9.37 14.81
C TYR A 82 22.71 10.82 14.38
N ILE A 83 23.80 11.50 14.77
CA ILE A 83 24.25 12.72 14.12
C ILE A 83 25.64 12.42 13.53
N ASN A 84 25.90 13.00 12.36
CA ASN A 84 27.06 12.69 11.53
C ASN A 84 28.32 13.28 12.19
N PRO A 85 29.40 12.49 12.45
CA PRO A 85 30.61 13.00 13.10
C PRO A 85 31.16 14.32 12.56
N LYS A 86 30.92 14.58 11.27
CA LYS A 86 31.45 15.74 10.55
C LYS A 86 30.78 17.05 10.98
N TYR A 87 29.48 17.02 11.34
CA TYR A 87 28.73 18.21 11.69
C TYR A 87 28.37 18.29 13.17
N ALA A 88 28.99 17.45 14.01
CA ALA A 88 28.66 17.36 15.43
C ALA A 88 28.58 18.75 16.07
N LYS A 89 29.58 19.57 15.77
CA LYS A 89 29.77 20.89 16.34
C LYS A 89 28.57 21.80 15.98
N CYS A 90 27.94 21.54 14.84
CA CYS A 90 26.85 22.38 14.33
C CYS A 90 25.61 22.25 15.22
N TYR A 91 25.46 21.09 15.88
CA TYR A 91 24.28 20.76 16.66
C TYR A 91 24.47 21.17 18.13
N THR A 92 25.65 21.78 18.47
CA THR A 92 25.86 22.42 19.75
C THR A 92 25.28 23.84 19.79
N TYR A 93 24.91 24.46 18.64
CA TYR A 93 24.36 25.81 18.64
C TYR A 93 22.84 25.72 18.78
N THR A 94 22.24 26.78 19.28
CA THR A 94 20.81 26.92 19.32
C THR A 94 20.44 28.17 18.53
N ALA A 95 19.13 28.45 18.45
CA ALA A 95 18.60 29.70 17.91
C ALA A 95 19.25 30.96 18.48
N ASN A 96 19.68 30.90 19.75
CA ASN A 96 20.26 32.06 20.42
C ASN A 96 21.73 32.23 20.05
N THR A 97 22.42 31.19 19.57
CA THR A 97 23.86 31.31 19.33
C THR A 97 24.26 30.98 17.88
N ILE A 98 23.30 30.85 16.95
CA ILE A 98 23.60 30.44 15.58
C ILE A 98 24.46 31.47 14.82
N LEU A 99 24.37 32.78 15.15
CA LEU A 99 25.26 33.78 14.58
C LEU A 99 26.74 33.63 14.98
N ASP A 100 27.06 32.77 15.95
CA ASP A 100 28.45 32.48 16.32
C ASP A 100 28.94 31.25 15.57
N ALA A 101 28.07 30.57 14.80
CA ALA A 101 28.48 29.36 14.09
C ALA A 101 29.13 29.77 12.77
N ASN A 102 30.06 28.94 12.29
CA ASN A 102 30.70 29.11 11.00
C ASN A 102 29.61 28.93 9.93
N LEU A 103 29.92 29.28 8.68
CA LEU A 103 28.93 29.31 7.61
C LEU A 103 28.40 27.92 7.26
N THR A 104 29.26 26.90 7.29
CA THR A 104 28.83 25.53 7.02
C THR A 104 27.76 25.11 8.03
N CYS A 105 27.98 25.43 9.31
CA CYS A 105 27.07 25.07 10.41
C CYS A 105 25.76 25.85 10.26
N GLN A 106 25.84 27.15 9.97
CA GLN A 106 24.68 27.96 9.67
C GLN A 106 23.85 27.33 8.56
N SER A 107 24.49 26.82 7.50
CA SER A 107 23.69 26.33 6.38
C SER A 107 23.06 24.97 6.69
N VAL A 108 23.80 24.11 7.39
CA VAL A 108 23.29 22.80 7.80
C VAL A 108 22.03 22.93 8.68
N ARG A 109 22.08 23.76 9.71
CA ARG A 109 20.99 23.93 10.66
C ARG A 109 19.75 24.52 9.98
N LEU A 110 19.97 25.27 8.90
CA LEU A 110 18.90 25.92 8.17
C LEU A 110 18.19 24.96 7.21
N ASN A 111 18.59 23.68 7.20
CA ASN A 111 17.86 22.59 6.57
C ASN A 111 16.53 22.28 7.27
N SER A 112 16.40 22.68 8.54
CA SER A 112 15.18 22.45 9.30
C SER A 112 14.31 23.71 9.32
N LEU A 113 13.06 23.56 8.87
CA LEU A 113 12.13 24.68 8.85
C LEU A 113 11.67 25.04 10.26
N VAL A 114 11.57 24.03 11.14
CA VAL A 114 11.36 24.24 12.56
C VAL A 114 12.49 25.10 13.15
N PHE A 115 13.76 24.76 12.86
CA PHE A 115 14.86 25.62 13.30
C PHE A 115 14.64 27.05 12.79
N ILE A 116 14.32 27.23 11.49
CA ILE A 116 14.05 28.56 10.91
C ILE A 116 12.91 29.27 11.63
N ALA A 117 11.80 28.55 11.87
CA ALA A 117 10.65 29.13 12.60
C ALA A 117 11.06 29.54 14.02
N SER A 118 12.03 28.85 14.64
CA SER A 118 12.46 29.17 16.00
C SER A 118 13.28 30.46 16.06
N LEU A 119 13.92 30.87 14.95
CA LEU A 119 14.84 32.00 15.02
C LEU A 119 14.03 33.27 15.28
N ASN A 120 14.69 34.30 15.81
CA ASN A 120 14.01 35.58 15.81
C ASN A 120 14.19 36.26 14.44
N SER A 121 13.30 37.22 14.20
CA SER A 121 13.14 37.81 12.89
C SER A 121 14.37 38.64 12.47
N LYS A 122 15.03 39.33 13.40
CA LYS A 122 16.26 40.05 13.06
C LYS A 122 17.31 39.07 12.57
N ASP A 123 17.40 37.89 13.19
CA ASP A 123 18.43 36.92 12.81
C ASP A 123 18.12 36.30 11.45
N ARG A 124 16.82 36.12 11.11
CA ARG A 124 16.42 35.61 9.81
C ARG A 124 16.81 36.61 8.73
N THR A 125 16.64 37.93 9.00
CA THR A 125 17.01 39.02 8.10
C THR A 125 18.53 38.99 7.80
N THR A 126 19.34 38.95 8.87
CA THR A 126 20.80 38.82 8.77
C THR A 126 21.20 37.61 7.92
N LEU A 127 20.71 36.43 8.29
CA LEU A 127 21.05 35.21 7.58
C LEU A 127 20.58 35.20 6.12
N ALA A 128 19.43 35.86 5.85
CA ALA A 128 18.90 35.99 4.50
C ALA A 128 19.90 36.71 3.60
N GLN A 129 20.49 37.78 4.12
CA GLN A 129 21.54 38.51 3.42
C GLN A 129 22.81 37.68 3.24
N THR A 130 23.27 37.03 4.30
CA THR A 130 24.45 36.16 4.21
C THR A 130 24.31 35.20 3.03
N PHE A 131 23.11 34.63 2.83
CA PHE A 131 22.94 33.51 1.93
C PHE A 131 22.31 33.91 0.59
N LYS A 132 21.93 35.18 0.37
CA LYS A 132 21.30 35.64 -0.88
C LYS A 132 21.97 35.09 -2.14
N ASN A 133 23.26 35.37 -2.26
CA ASN A 133 24.02 35.12 -3.47
C ASN A 133 24.26 33.61 -3.61
N GLN A 134 24.63 32.92 -2.53
CA GLN A 134 25.11 31.54 -2.57
C GLN A 134 23.97 30.53 -2.40
N ARG A 135 22.96 30.82 -1.55
CA ARG A 135 21.85 29.89 -1.31
C ARG A 135 20.54 30.67 -1.23
N PRO A 136 20.03 31.16 -2.39
CA PRO A 136 18.77 31.92 -2.41
C PRO A 136 17.57 31.12 -1.92
N ASP A 137 17.68 29.78 -2.00
CA ASP A 137 16.65 28.91 -1.42
C ASP A 137 16.48 29.17 0.09
N LEU A 138 17.59 29.41 0.81
CA LEU A 138 17.56 29.62 2.25
C LEU A 138 17.05 31.03 2.53
N THR A 139 17.54 31.98 1.72
CA THR A 139 17.08 33.36 1.79
C THR A 139 15.56 33.42 1.73
N ASN A 140 14.99 32.64 0.80
CA ASN A 140 13.56 32.71 0.52
C ASN A 140 12.76 32.19 1.72
N LEU A 141 13.21 31.06 2.29
CA LEU A 141 12.55 30.46 3.46
C LEU A 141 12.71 31.37 4.69
N LEU A 142 13.89 31.97 4.85
CA LEU A 142 14.15 32.87 5.97
C LEU A 142 13.21 34.06 5.93
N LEU A 143 13.11 34.69 4.76
CA LEU A 143 12.35 35.92 4.67
C LEU A 143 10.87 35.58 4.65
N ALA A 144 10.53 34.35 4.25
CA ALA A 144 9.15 33.91 4.26
C ALA A 144 8.63 33.78 5.69
N PHE A 145 9.46 33.20 6.57
CA PHE A 145 9.09 33.07 7.99
C PHE A 145 9.06 34.43 8.73
N ASN A 146 9.55 35.51 8.08
CA ASN A 146 9.33 36.86 8.61
C ASN A 146 7.95 37.41 8.28
N THR A 147 7.08 36.64 7.60
CA THR A 147 5.74 37.07 7.25
C THR A 147 4.72 36.23 8.01
N SER A 148 3.49 36.73 8.09
CA SER A 148 2.42 35.91 8.65
C SER A 148 2.02 34.75 7.74
N ASP A 149 2.44 34.72 6.44
CA ASP A 149 2.14 33.59 5.56
C ASP A 149 3.35 33.19 4.73
N PRO A 150 4.18 32.28 5.25
CA PRO A 150 5.35 31.77 4.51
C PRO A 150 5.05 31.15 3.14
N MET A 151 3.96 30.37 3.03
CA MET A 151 3.54 29.77 1.78
C MET A 151 3.27 30.84 0.70
N SER A 152 2.61 31.94 1.07
CA SER A 152 2.30 33.00 0.13
C SER A 152 3.57 33.62 -0.42
N TYR A 153 4.58 33.79 0.44
CA TYR A 153 5.85 34.38 0.03
C TYR A 153 6.56 33.45 -0.95
N ILE A 154 6.61 32.16 -0.63
CA ILE A 154 7.30 31.18 -1.43
C ILE A 154 6.59 31.03 -2.78
N VAL A 155 5.27 30.97 -2.78
CA VAL A 155 4.47 30.87 -3.98
C VAL A 155 4.74 32.07 -4.91
N GLN A 156 4.89 33.28 -4.34
CA GLN A 156 5.16 34.48 -5.11
C GLN A 156 6.55 34.39 -5.75
N LYS A 157 7.54 33.79 -5.09
CA LYS A 157 8.85 33.57 -5.72
C LYS A 157 8.86 32.40 -6.72
N GLU A 158 7.78 31.61 -6.77
CA GLU A 158 7.72 30.35 -7.50
C GLU A 158 8.96 29.52 -7.15
N ASP A 159 9.28 29.47 -5.85
CA ASP A 159 10.34 28.61 -5.36
C ASP A 159 9.72 27.24 -5.11
N ILE A 160 10.02 26.28 -6.01
CA ILE A 160 9.37 24.98 -6.01
C ILE A 160 9.96 24.09 -4.90
N ASN A 161 11.27 24.13 -4.70
CA ASN A 161 11.86 23.36 -3.62
C ASN A 161 11.27 23.84 -2.29
N GLY A 162 11.19 25.15 -2.10
CA GLY A 162 10.66 25.75 -0.90
C GLY A 162 9.20 25.38 -0.70
N PHE A 163 8.44 25.24 -1.80
CA PHE A 163 7.04 24.92 -1.71
C PHE A 163 6.86 23.58 -1.03
N PHE A 164 7.61 22.57 -1.50
CA PHE A 164 7.51 21.21 -0.99
C PHE A 164 8.04 21.12 0.47
N LYS A 165 9.12 21.84 0.81
CA LYS A 165 9.65 21.90 2.19
C LYS A 165 8.58 22.45 3.14
N LEU A 166 7.86 23.49 2.72
CA LEU A 166 6.76 24.08 3.49
C LEU A 166 5.57 23.14 3.63
N TYR A 167 5.17 22.50 2.52
CA TYR A 167 4.11 21.50 2.59
C TYR A 167 4.46 20.40 3.60
N ASN A 168 5.70 19.92 3.60
CA ASN A 168 6.11 18.82 4.47
C ASN A 168 6.23 19.27 5.93
N TYR A 169 6.59 20.54 6.15
CA TYR A 169 6.57 21.16 7.48
C TYR A 169 5.13 21.34 8.00
N SER A 170 4.19 21.76 7.14
CA SER A 170 2.81 21.93 7.54
C SER A 170 1.87 21.86 6.34
N LYS A 171 0.96 20.88 6.43
CA LYS A 171 -0.18 20.70 5.55
C LYS A 171 -1.23 21.81 5.64
N LYS A 172 -1.18 22.68 6.66
CA LYS A 172 -2.30 23.58 6.89
C LYS A 172 -2.29 24.69 5.84
N TYR A 173 -1.10 25.11 5.39
CA TYR A 173 -1.00 26.11 4.33
C TYR A 173 -1.80 25.63 3.13
N ASP A 174 -2.65 26.55 2.63
CA ASP A 174 -3.46 26.35 1.44
C ASP A 174 -3.63 27.70 0.74
N LEU A 175 -3.41 27.74 -0.58
CA LEU A 175 -3.42 28.98 -1.34
C LEU A 175 -3.74 28.63 -2.79
N ASP A 176 -4.33 29.57 -3.52
CA ASP A 176 -4.51 29.36 -4.95
C ASP A 176 -3.15 29.50 -5.65
N LEU A 177 -2.92 28.64 -6.66
CA LEU A 177 -1.68 28.65 -7.41
C LEU A 177 -2.02 28.92 -8.87
N ASN A 178 -1.23 29.76 -9.53
CA ASN A 178 -1.59 30.15 -10.90
C ASN A 178 -1.10 29.05 -11.85
N THR A 179 -1.31 29.25 -13.16
CA THR A 179 -1.08 28.19 -14.14
C THR A 179 0.41 27.89 -14.23
N SER A 180 1.21 28.95 -14.34
CA SER A 180 2.66 28.81 -14.38
C SER A 180 3.18 27.98 -13.21
N LEU A 181 2.75 28.31 -11.96
CA LEU A 181 3.26 27.62 -10.79
C LEU A 181 2.84 26.16 -10.81
N VAL A 182 1.55 25.82 -11.00
CA VAL A 182 1.14 24.42 -10.84
C VAL A 182 1.86 23.54 -11.86
N ASN A 183 2.21 24.10 -13.02
CA ASN A 183 2.78 23.34 -14.11
C ASN A 183 4.26 23.04 -13.84
N LYS A 184 4.84 23.77 -12.87
CA LYS A 184 6.21 23.48 -12.42
C LYS A 184 6.26 22.39 -11.34
N LEU A 185 5.15 22.17 -10.62
CA LEU A 185 5.18 21.26 -9.48
C LEU A 185 5.51 19.82 -9.90
N PRO A 186 4.99 19.29 -11.05
CA PRO A 186 5.20 17.88 -11.41
C PRO A 186 6.64 17.42 -11.63
N ASN A 187 7.54 18.36 -11.78
CA ASN A 187 8.93 18.05 -12.06
C ASN A 187 9.68 17.76 -10.75
N HIS A 188 9.05 17.99 -9.58
CA HIS A 188 9.69 17.71 -8.30
C HIS A 188 9.20 16.34 -7.82
N ILE A 189 10.09 15.55 -7.21
CA ILE A 189 9.81 14.17 -6.79
C ILE A 189 8.63 14.11 -5.79
N GLY A 190 8.48 15.18 -4.98
CA GLY A 190 7.42 15.29 -3.98
C GLY A 190 6.00 15.38 -4.54
N PHE A 191 5.87 15.67 -5.84
CA PHE A 191 4.58 16.04 -6.42
C PHE A 191 3.54 14.90 -6.30
N LYS A 192 3.97 13.65 -6.56
CA LYS A 192 3.04 12.53 -6.73
C LYS A 192 2.27 12.25 -5.41
N ASP A 193 3.01 12.18 -4.30
CA ASP A 193 2.48 11.99 -2.95
C ASP A 193 1.66 13.19 -2.48
N PHE A 194 2.15 14.41 -2.75
CA PHE A 194 1.40 15.62 -2.55
C PHE A 194 0.04 15.59 -3.26
N ALA A 195 0.01 15.30 -4.58
CA ALA A 195 -1.22 15.32 -5.35
C ALA A 195 -2.19 14.25 -4.82
N GLN A 196 -1.73 13.01 -4.73
CA GLN A 196 -2.53 11.92 -4.23
C GLN A 196 -3.11 12.24 -2.84
N ASN A 197 -2.24 12.68 -1.95
CA ASN A 197 -2.63 12.89 -0.56
C ASN A 197 -3.75 13.93 -0.44
N ILE A 198 -3.61 15.12 -1.06
CA ILE A 198 -4.62 16.15 -0.89
C ILE A 198 -5.91 15.79 -1.64
N ILE A 199 -5.83 15.03 -2.73
CA ILE A 199 -7.01 14.63 -3.50
C ILE A 199 -7.78 13.54 -2.75
N ILE A 200 -7.09 12.48 -2.28
CA ILE A 200 -7.72 11.36 -1.60
C ILE A 200 -8.27 11.81 -0.24
N LYS A 201 -7.59 12.74 0.44
CA LYS A 201 -7.95 13.16 1.80
C LYS A 201 -8.97 14.29 1.77
N LYS A 202 -9.16 14.94 0.60
CA LYS A 202 -10.08 16.06 0.40
C LYS A 202 -9.63 17.22 1.28
N GLU A 203 -8.35 17.55 1.14
CA GLU A 203 -7.71 18.60 1.90
C GLU A 203 -7.19 19.66 0.93
N ASN A 204 -6.82 20.81 1.47
CA ASN A 204 -6.15 21.83 0.67
C ASN A 204 -6.97 22.12 -0.58
N PRO A 205 -8.26 22.53 -0.42
CA PRO A 205 -9.15 22.81 -1.54
C PRO A 205 -8.61 23.80 -2.58
N LYS A 206 -7.81 24.78 -2.14
CA LYS A 206 -7.29 25.76 -3.07
C LYS A 206 -6.20 25.14 -3.93
N PHE A 207 -5.37 24.29 -3.30
CA PHE A 207 -4.37 23.52 -4.04
C PHE A 207 -5.09 22.62 -5.05
N ARG A 208 -6.15 21.96 -4.60
CA ARG A 208 -6.88 21.00 -5.41
C ARG A 208 -7.44 21.66 -6.65
N HIS A 209 -8.18 22.76 -6.44
CA HIS A 209 -8.77 23.52 -7.51
C HIS A 209 -7.71 24.03 -8.47
N SER A 210 -6.58 24.49 -7.93
CA SER A 210 -5.52 25.02 -8.75
C SER A 210 -5.00 23.94 -9.73
N MET A 211 -5.02 22.67 -9.32
CA MET A 211 -4.40 21.59 -10.10
C MET A 211 -5.27 21.15 -11.31
N LEU A 212 -6.45 21.78 -11.50
CA LEU A 212 -7.22 21.73 -12.72
C LEU A 212 -6.46 22.28 -13.93
N GLU A 213 -5.49 23.17 -13.70
CA GLU A 213 -4.81 23.87 -14.78
C GLU A 213 -3.46 23.21 -15.11
N ILE A 214 -3.19 22.05 -14.50
CA ILE A 214 -1.99 21.35 -14.93
C ILE A 214 -2.23 20.81 -16.34
N ASN A 215 -1.26 21.06 -17.23
CA ASN A 215 -1.28 20.54 -18.59
C ASN A 215 -1.07 19.04 -18.49
N PRO A 216 -1.96 18.20 -19.09
CA PRO A 216 -1.76 16.74 -19.11
C PRO A 216 -0.40 16.37 -19.70
N GLU A 217 0.09 17.18 -20.63
CA GLU A 217 1.42 17.01 -21.21
C GLU A 217 2.50 16.96 -20.12
N ASN A 218 2.27 17.53 -18.92
CA ASN A 218 3.35 17.71 -17.94
C ASN A 218 3.34 16.61 -16.89
N VAL A 219 2.34 15.72 -16.93
CA VAL A 219 2.21 14.66 -15.93
C VAL A 219 2.12 13.29 -16.60
N SER A 220 2.22 12.23 -15.78
CA SER A 220 2.09 10.88 -16.31
C SER A 220 1.76 9.92 -15.17
N GLU A 221 1.38 8.71 -15.56
CA GLU A 221 1.19 7.55 -14.70
C GLU A 221 0.21 7.93 -13.59
N ASP A 222 0.55 7.63 -12.33
CA ASP A 222 -0.32 7.82 -11.18
C ASP A 222 -0.75 9.29 -11.00
N SER A 223 0.18 10.23 -11.21
CA SER A 223 -0.12 11.63 -11.09
C SER A 223 -1.21 12.05 -12.07
N ALA A 224 -1.04 11.64 -13.34
CA ALA A 224 -2.06 11.92 -14.34
C ALA A 224 -3.41 11.33 -13.92
N PHE A 225 -3.38 10.08 -13.44
CA PHE A 225 -4.58 9.41 -13.03
C PHE A 225 -5.30 10.21 -11.94
N TYR A 226 -4.55 10.65 -10.90
CA TYR A 226 -5.15 11.31 -9.74
C TYR A 226 -5.64 12.70 -10.14
N LEU A 227 -4.94 13.35 -11.07
CA LEU A 227 -5.43 14.60 -11.64
C LEU A 227 -6.72 14.42 -12.45
N GLY A 228 -6.97 13.23 -13.01
CA GLY A 228 -8.26 12.99 -13.63
C GLY A 228 -9.35 12.81 -12.57
N VAL A 229 -9.05 12.09 -11.47
CA VAL A 229 -10.01 11.93 -10.37
C VAL A 229 -10.36 13.31 -9.79
N ASN A 230 -9.33 14.14 -9.59
CA ASN A 230 -9.51 15.52 -9.13
C ASN A 230 -10.46 16.25 -10.07
N ALA A 231 -10.22 16.16 -11.38
CA ALA A 231 -11.08 16.85 -12.34
C ALA A 231 -12.52 16.38 -12.25
N LEU A 232 -12.77 15.08 -12.03
CA LEU A 232 -14.13 14.57 -11.89
C LEU A 232 -14.82 15.19 -10.68
N THR A 233 -14.12 15.39 -9.56
CA THR A 233 -14.73 15.92 -8.34
C THR A 233 -15.21 17.35 -8.56
N TYR A 234 -14.62 18.10 -9.51
CA TYR A 234 -15.06 19.44 -9.89
C TYR A 234 -15.95 19.40 -11.13
N ASP A 235 -16.40 18.21 -11.55
CA ASP A 235 -17.19 18.02 -12.77
C ASP A 235 -16.58 18.71 -14.01
N LYS A 236 -15.26 18.59 -14.17
CA LYS A 236 -14.55 18.94 -15.38
C LYS A 236 -14.22 17.68 -16.19
N THR A 237 -15.25 17.14 -16.85
CA THR A 237 -15.21 15.83 -17.49
C THR A 237 -14.21 15.81 -18.68
N GLU A 238 -14.09 16.91 -19.43
CA GLU A 238 -13.15 17.00 -20.54
C GLU A 238 -11.70 16.91 -20.05
N LEU A 239 -11.35 17.79 -19.09
CA LEU A 239 -10.06 17.74 -18.39
C LEU A 239 -9.79 16.36 -17.84
N ALA A 240 -10.82 15.76 -17.22
CA ALA A 240 -10.62 14.45 -16.64
C ALA A 240 -10.23 13.44 -17.70
N TYR A 241 -11.03 13.36 -18.77
CA TYR A 241 -10.71 12.48 -19.88
C TYR A 241 -9.26 12.68 -20.30
N ASP A 242 -8.85 13.93 -20.47
CA ASP A 242 -7.51 14.21 -20.99
C ASP A 242 -6.44 13.64 -20.05
N PHE A 243 -6.67 13.73 -18.73
CA PHE A 243 -5.71 13.25 -17.73
C PHE A 243 -5.69 11.73 -17.74
N PHE A 244 -6.89 11.12 -17.83
CA PHE A 244 -7.01 9.67 -17.83
C PHE A 244 -6.35 9.06 -19.08
N LYS A 245 -6.50 9.75 -20.22
CA LYS A 245 -5.90 9.31 -21.46
C LYS A 245 -4.38 9.35 -21.38
N LYS A 246 -3.82 10.41 -20.80
CA LYS A 246 -2.38 10.47 -20.59
C LYS A 246 -1.92 9.34 -19.68
N ALA A 247 -2.70 9.01 -18.66
CA ALA A 247 -2.33 7.95 -17.75
C ALA A 247 -2.34 6.60 -18.49
N ALA A 248 -3.40 6.38 -19.29
CA ALA A 248 -3.53 5.14 -20.05
C ALA A 248 -2.31 4.96 -20.95
N GLN A 249 -1.87 6.04 -21.60
CA GLN A 249 -0.70 6.01 -22.46
C GLN A 249 0.62 5.81 -21.72
N SER A 250 0.75 6.23 -20.46
CA SER A 250 2.05 6.30 -19.81
C SER A 250 2.23 5.21 -18.76
N PHE A 251 1.13 4.69 -18.20
CA PHE A 251 1.22 3.70 -17.12
C PHE A 251 2.04 2.49 -17.60
N LYS A 252 2.80 1.90 -16.69
CA LYS A 252 3.58 0.71 -17.01
C LYS A 252 2.73 -0.56 -16.91
N SER A 253 1.91 -0.69 -15.84
CA SER A 253 1.17 -1.91 -15.60
C SER A 253 -0.15 -1.88 -16.38
N GLN A 254 -0.45 -3.03 -17.02
CA GLN A 254 -1.67 -3.22 -17.81
C GLN A 254 -2.92 -3.01 -16.93
N SER A 255 -2.87 -3.44 -15.67
CA SER A 255 -3.97 -3.28 -14.74
C SER A 255 -4.31 -1.80 -14.53
N ASN A 256 -3.27 -0.96 -14.45
CA ASN A 256 -3.44 0.46 -14.21
C ASN A 256 -3.93 1.12 -15.50
N LYS A 257 -3.37 0.73 -16.66
CA LYS A 257 -3.89 1.19 -17.94
C LYS A 257 -5.39 0.94 -18.05
N ASP A 258 -5.84 -0.23 -17.63
CA ASP A 258 -7.24 -0.64 -17.77
C ASP A 258 -8.14 0.25 -16.93
N ASN A 259 -7.65 0.60 -15.74
CA ASN A 259 -8.38 1.47 -14.83
C ASN A 259 -8.56 2.84 -15.49
N ALA A 260 -7.49 3.35 -16.14
CA ALA A 260 -7.53 4.62 -16.85
C ALA A 260 -8.44 4.58 -18.09
N ILE A 261 -8.36 3.48 -18.87
CA ILE A 261 -9.16 3.29 -20.08
C ILE A 261 -10.63 3.17 -19.69
N PHE A 262 -10.94 2.48 -18.59
CA PHE A 262 -12.31 2.45 -18.10
C PHE A 262 -12.86 3.86 -17.89
N TRP A 263 -12.04 4.76 -17.33
CA TRP A 263 -12.49 6.10 -17.00
C TRP A 263 -12.74 6.88 -18.29
N MET A 264 -11.80 6.78 -19.26
CA MET A 264 -11.99 7.30 -20.61
C MET A 264 -13.35 6.87 -21.17
N TRP A 265 -13.68 5.58 -21.04
CA TRP A 265 -14.93 5.06 -21.57
C TRP A 265 -16.16 5.63 -20.84
N LEU A 266 -16.12 5.61 -19.51
CA LEU A 266 -17.24 6.07 -18.68
C LEU A 266 -17.61 7.54 -18.97
N ILE A 267 -16.57 8.32 -19.27
CA ILE A 267 -16.69 9.76 -19.47
C ILE A 267 -17.14 10.07 -20.89
N LYS A 268 -16.45 9.56 -21.91
CA LYS A 268 -16.70 10.00 -23.29
C LYS A 268 -17.39 8.93 -24.16
N ASN A 269 -17.54 7.69 -23.64
CA ASN A 269 -18.40 6.67 -24.23
C ASN A 269 -17.94 6.21 -25.61
N ASN A 270 -16.63 6.16 -25.85
CA ASN A 270 -16.12 5.68 -27.12
C ASN A 270 -15.97 4.16 -27.04
N GLU A 271 -16.64 3.45 -27.96
CA GLU A 271 -16.72 2.00 -27.91
C GLU A 271 -15.38 1.34 -28.25
N GLU A 272 -14.43 2.03 -28.90
CA GLU A 272 -13.09 1.46 -29.07
C GLU A 272 -12.32 1.35 -27.74
N ASP A 273 -12.59 2.26 -26.80
CA ASP A 273 -11.97 2.22 -25.49
C ASP A 273 -12.47 0.97 -24.76
N LEU A 274 -13.78 0.76 -24.79
CA LEU A 274 -14.36 -0.39 -24.10
C LEU A 274 -13.88 -1.70 -24.73
N LYS A 275 -13.73 -1.65 -26.06
CA LYS A 275 -13.30 -2.80 -26.82
C LYS A 275 -11.87 -3.15 -26.39
N THR A 276 -10.95 -2.18 -26.52
CA THR A 276 -9.57 -2.35 -26.03
C THR A 276 -9.54 -2.92 -24.59
N LEU A 277 -10.45 -2.47 -23.73
CA LEU A 277 -10.46 -2.87 -22.33
C LEU A 277 -10.97 -4.31 -22.22
N SER A 278 -11.99 -4.68 -23.03
CA SER A 278 -12.49 -6.06 -23.07
C SER A 278 -11.40 -7.06 -23.49
N GLN A 279 -10.37 -6.63 -24.21
CA GLN A 279 -9.36 -7.52 -24.80
C GLN A 279 -8.05 -7.51 -24.02
N SER A 280 -8.05 -6.89 -22.84
CA SER A 280 -6.88 -6.85 -21.97
C SER A 280 -6.47 -8.25 -21.53
N SER A 281 -5.15 -8.41 -21.44
CA SER A 281 -4.49 -9.57 -20.84
C SER A 281 -4.47 -9.50 -19.30
N SER A 282 -4.81 -8.35 -18.69
CA SER A 282 -4.90 -8.26 -17.24
C SER A 282 -6.33 -8.57 -16.84
N LEU A 283 -6.43 -9.45 -15.83
CA LEU A 283 -7.68 -9.78 -15.20
C LEU A 283 -7.91 -8.89 -13.99
N ASN A 284 -8.87 -7.98 -14.11
CA ASN A 284 -9.15 -7.04 -13.07
C ASN A 284 -10.61 -6.69 -13.23
N ILE A 285 -11.13 -5.89 -12.31
CA ILE A 285 -12.56 -5.63 -12.30
C ILE A 285 -12.96 -4.84 -13.54
N TYR A 286 -12.01 -4.08 -14.11
CA TYR A 286 -12.33 -3.18 -15.21
C TYR A 286 -12.42 -3.99 -16.50
N SER A 287 -11.45 -4.89 -16.73
CA SER A 287 -11.49 -5.75 -17.90
C SER A 287 -12.60 -6.80 -17.79
N LEU A 288 -12.85 -7.31 -16.58
CA LEU A 288 -13.96 -8.24 -16.35
C LEU A 288 -15.27 -7.57 -16.71
N TYR A 289 -15.46 -6.34 -16.24
CA TYR A 289 -16.69 -5.63 -16.48
C TYR A 289 -16.89 -5.34 -17.97
N ALA A 290 -15.81 -4.94 -18.67
CA ALA A 290 -15.87 -4.64 -20.10
C ALA A 290 -16.21 -5.88 -20.93
N LYS A 291 -15.68 -7.04 -20.53
CA LYS A 291 -16.01 -8.31 -21.15
C LYS A 291 -17.48 -8.62 -20.98
N GLU A 292 -18.02 -8.33 -19.80
CA GLU A 292 -19.43 -8.64 -19.56
C GLU A 292 -20.32 -7.69 -20.37
N LEU A 293 -19.89 -6.44 -20.60
CA LEU A 293 -20.73 -5.50 -21.32
C LEU A 293 -20.72 -5.77 -22.83
N THR A 294 -19.76 -6.57 -23.34
CA THR A 294 -19.58 -6.76 -24.77
C THR A 294 -19.81 -8.23 -25.14
N ASN A 295 -20.42 -8.98 -24.23
CA ASN A 295 -20.72 -10.40 -24.42
C ASN A 295 -19.46 -11.19 -24.78
N THR A 296 -18.31 -10.77 -24.23
CA THR A 296 -17.04 -11.45 -24.40
C THR A 296 -16.93 -12.57 -23.36
N PRO A 297 -16.45 -13.78 -23.71
CA PRO A 297 -16.33 -14.86 -22.74
C PRO A 297 -15.34 -14.56 -21.60
N PHE A 298 -15.65 -15.19 -20.48
CA PHE A 298 -14.86 -15.12 -19.26
C PHE A 298 -13.43 -15.54 -19.57
N PRO A 299 -12.42 -14.85 -19.00
CA PRO A 299 -11.03 -15.19 -19.30
C PRO A 299 -10.70 -16.62 -18.87
N LYS A 300 -9.71 -17.19 -19.54
CA LYS A 300 -9.18 -18.51 -19.26
C LYS A 300 -8.40 -18.52 -17.93
N ILE A 301 -8.79 -19.46 -17.07
CA ILE A 301 -8.11 -19.73 -15.82
C ILE A 301 -7.33 -21.03 -15.94
N GLU A 302 -6.02 -20.95 -15.76
CA GLU A 302 -5.15 -22.12 -15.68
C GLU A 302 -5.66 -23.17 -14.71
N SER A 303 -5.30 -24.41 -15.03
CA SER A 303 -5.69 -25.55 -14.21
C SER A 303 -4.42 -26.29 -13.78
N LEU A 304 -4.15 -26.19 -12.47
CA LEU A 304 -2.97 -26.77 -11.86
C LEU A 304 -3.38 -28.03 -11.12
N ASN A 305 -2.95 -29.18 -11.61
CA ASN A 305 -3.39 -30.42 -11.01
C ASN A 305 -2.19 -31.36 -10.96
N PRO A 306 -1.25 -31.15 -10.00
CA PRO A 306 -0.05 -31.98 -9.94
C PRO A 306 -0.42 -33.36 -9.42
N SER A 307 0.23 -34.40 -9.98
CA SER A 307 -0.02 -35.79 -9.60
C SER A 307 0.79 -36.17 -8.35
N LYS A 308 2.09 -35.85 -8.26
CA LYS A 308 2.85 -36.11 -7.04
C LYS A 308 2.13 -35.52 -5.83
N LYS A 309 2.08 -36.27 -4.73
CA LYS A 309 1.37 -35.83 -3.54
C LYS A 309 2.26 -34.90 -2.71
N LYS A 310 3.54 -35.27 -2.53
CA LYS A 310 4.40 -34.59 -1.56
C LYS A 310 5.85 -34.49 -2.04
N ASN A 311 6.65 -33.71 -1.28
CA ASN A 311 8.10 -33.73 -1.40
C ASN A 311 8.70 -33.47 0.00
N ASN A 312 9.99 -33.14 0.02
CA ASN A 312 10.72 -32.96 1.27
C ASN A 312 10.14 -31.80 2.08
N PHE A 313 9.79 -30.72 1.38
CA PHE A 313 9.62 -29.39 1.96
C PHE A 313 8.54 -29.39 3.05
N ASN A 314 8.91 -28.75 4.17
CA ASN A 314 8.04 -28.47 5.31
C ASN A 314 7.32 -27.14 5.09
N MET A 315 6.01 -27.26 4.79
CA MET A 315 5.11 -26.15 4.53
C MET A 315 4.73 -25.47 5.85
N GLN A 316 5.16 -26.04 6.99
CA GLN A 316 4.83 -25.44 8.28
C GLN A 316 6.05 -24.77 8.92
N ASP A 317 7.20 -24.79 8.23
CA ASP A 317 8.42 -24.14 8.72
C ASP A 317 8.50 -22.73 8.14
N PRO A 318 8.30 -21.64 8.95
CA PRO A 318 8.37 -20.30 8.39
C PRO A 318 9.76 -19.86 7.92
N PHE A 319 10.83 -20.52 8.43
CA PHE A 319 12.20 -20.23 8.03
C PHE A 319 12.48 -20.81 6.64
N ALA A 320 11.96 -22.00 6.37
CA ALA A 320 12.08 -22.65 5.08
C ALA A 320 11.41 -21.78 4.00
N TRP A 321 10.25 -21.17 4.33
CA TRP A 321 9.58 -20.34 3.36
C TRP A 321 10.45 -19.12 3.02
N GLN A 322 10.97 -18.45 4.06
CA GLN A 322 11.70 -17.20 3.85
C GLN A 322 12.90 -17.46 2.94
N LYS A 323 13.57 -18.59 3.14
CA LYS A 323 14.73 -18.98 2.35
C LYS A 323 14.34 -19.24 0.89
N ILE A 324 13.35 -20.11 0.66
CA ILE A 324 12.98 -20.51 -0.69
C ILE A 324 12.35 -19.32 -1.43
N ASN A 325 11.69 -18.41 -0.71
CA ASN A 325 11.12 -17.25 -1.34
C ASN A 325 12.24 -16.41 -1.95
N LYS A 326 13.33 -16.23 -1.21
CA LYS A 326 14.42 -15.39 -1.66
C LYS A 326 15.07 -16.03 -2.90
N GLN A 327 15.29 -17.36 -2.88
CA GLN A 327 15.73 -18.10 -4.05
C GLN A 327 14.81 -17.87 -5.25
N ILE A 328 13.50 -18.07 -5.05
CA ILE A 328 12.57 -17.91 -6.15
C ILE A 328 12.69 -16.52 -6.78
N ARG A 329 12.76 -15.44 -5.97
CA ARG A 329 12.72 -14.06 -6.47
C ARG A 329 14.00 -13.63 -7.18
N ASP A 330 15.09 -14.37 -6.93
CA ASP A 330 16.43 -14.04 -7.42
C ASP A 330 16.84 -15.00 -8.54
N ALA A 331 15.92 -15.83 -9.03
CA ALA A 331 16.30 -16.91 -9.94
C ALA A 331 16.18 -16.47 -11.40
N ASN A 332 17.16 -16.89 -12.21
CA ASN A 332 17.14 -16.74 -13.65
C ASN A 332 16.12 -17.71 -14.25
N ALA A 333 15.77 -17.52 -15.54
CA ALA A 333 14.75 -18.31 -16.22
C ALA A 333 15.04 -19.81 -16.06
N SER A 334 16.34 -20.16 -16.11
CA SER A 334 16.82 -21.52 -15.96
C SER A 334 16.46 -22.12 -14.59
N GLN A 335 16.71 -21.38 -13.50
CA GLN A 335 16.59 -21.91 -12.14
C GLN A 335 15.11 -22.05 -11.77
N LEU A 336 14.27 -21.09 -12.17
CA LEU A 336 12.82 -21.20 -12.02
C LEU A 336 12.31 -22.56 -12.52
N ASP A 337 12.88 -23.12 -13.61
CA ASP A 337 12.39 -24.37 -14.16
C ASP A 337 12.76 -25.54 -13.26
N VAL A 338 13.92 -25.49 -12.61
CA VAL A 338 14.32 -26.55 -11.69
C VAL A 338 13.40 -26.53 -10.46
N LEU A 339 12.99 -25.31 -10.06
CA LEU A 339 12.18 -25.09 -8.88
C LEU A 339 10.73 -25.46 -9.18
N ALA A 340 10.24 -25.07 -10.36
CA ALA A 340 8.93 -25.50 -10.84
C ALA A 340 8.75 -27.01 -10.69
N LYS A 341 9.75 -27.80 -11.13
CA LYS A 341 9.65 -29.25 -11.12
C LYS A 341 9.66 -29.75 -9.69
N GLU A 342 10.56 -29.20 -8.87
CA GLU A 342 10.70 -29.64 -7.49
C GLU A 342 9.38 -29.43 -6.72
N PHE A 343 8.65 -28.31 -6.96
CA PHE A 343 7.50 -27.93 -6.13
C PHE A 343 6.17 -28.27 -6.79
N ASP A 344 6.22 -28.99 -7.92
CA ASP A 344 5.05 -29.50 -8.62
C ASP A 344 4.47 -30.70 -7.88
N THR A 345 3.87 -30.43 -6.70
CA THR A 345 3.22 -31.42 -5.86
C THR A 345 1.98 -30.76 -5.25
N GLN A 346 1.02 -31.59 -4.84
CA GLN A 346 -0.18 -31.11 -4.17
C GLN A 346 0.16 -30.42 -2.85
N GLU A 347 1.09 -30.99 -2.08
CA GLU A 347 1.43 -30.48 -0.76
C GLU A 347 2.07 -29.08 -0.86
N THR A 348 2.85 -28.83 -1.93
CA THR A 348 3.51 -27.55 -2.16
C THR A 348 2.84 -26.76 -3.29
N LEU A 349 1.54 -26.97 -3.51
CA LEU A 349 0.85 -26.35 -4.63
C LEU A 349 0.95 -24.82 -4.58
N PRO A 350 0.78 -24.14 -3.42
CA PRO A 350 0.93 -22.69 -3.37
C PRO A 350 2.33 -22.20 -3.80
N ILE A 351 3.36 -23.03 -3.58
CA ILE A 351 4.70 -22.62 -4.02
C ILE A 351 4.83 -22.82 -5.53
N TYR A 352 4.34 -23.95 -6.06
CA TYR A 352 4.25 -24.20 -7.49
C TYR A 352 3.66 -22.97 -8.19
N ALA A 353 2.45 -22.57 -7.76
CA ALA A 353 1.75 -21.50 -8.43
C ALA A 353 2.55 -20.20 -8.38
N TYR A 354 3.23 -19.97 -7.25
CA TYR A 354 4.03 -18.77 -7.00
C TYR A 354 5.20 -18.70 -7.97
N ILE A 355 5.92 -19.83 -8.08
CA ILE A 355 6.94 -20.00 -9.11
C ILE A 355 6.38 -19.82 -10.52
N LEU A 356 5.23 -20.44 -10.87
CA LEU A 356 4.71 -20.37 -12.23
C LEU A 356 4.31 -18.93 -12.57
N GLU A 357 3.84 -18.17 -11.59
CA GLU A 357 3.47 -16.78 -11.80
C GLU A 357 4.69 -15.95 -12.20
N ARG A 358 5.86 -16.21 -11.58
CA ARG A 358 7.09 -15.49 -11.91
C ARG A 358 7.72 -16.03 -13.20
N LYS A 359 7.40 -17.27 -13.57
CA LYS A 359 8.07 -17.96 -14.67
C LYS A 359 7.43 -17.62 -16.02
N ASN A 360 6.13 -17.25 -16.01
CA ASN A 360 5.40 -16.89 -17.22
C ASN A 360 5.25 -15.37 -17.29
N ASN A 361 6.09 -14.65 -16.51
CA ASN A 361 6.20 -13.21 -16.53
C ASN A 361 4.83 -12.54 -16.33
N PHE A 362 4.00 -13.20 -15.50
CA PHE A 362 2.75 -12.69 -14.96
C PHE A 362 1.66 -12.60 -16.04
N LYS A 363 1.69 -13.49 -17.04
CA LYS A 363 0.77 -13.45 -18.19
C LYS A 363 -0.41 -14.41 -18.04
N LYS A 364 -0.28 -15.48 -17.22
CA LYS A 364 -1.39 -16.43 -17.06
C LYS A 364 -2.11 -16.19 -15.73
N HIS A 365 -3.33 -16.72 -15.62
CA HIS A 365 -4.19 -16.49 -14.47
C HIS A 365 -4.28 -17.73 -13.57
N TYR A 366 -3.68 -17.64 -12.38
CA TYR A 366 -3.68 -18.73 -11.42
C TYR A 366 -4.55 -18.42 -10.22
N PHE A 367 -5.52 -19.32 -10.00
CA PHE A 367 -6.54 -19.20 -8.97
C PHE A 367 -6.74 -20.57 -8.32
N ILE A 368 -5.73 -20.98 -7.55
CA ILE A 368 -5.72 -22.29 -6.90
C ILE A 368 -6.66 -22.31 -5.70
N MET A 369 -6.91 -23.54 -5.26
CA MET A 369 -7.88 -23.87 -4.24
C MET A 369 -7.28 -24.86 -3.26
N PRO A 370 -6.20 -24.52 -2.52
CA PRO A 370 -5.47 -25.51 -1.73
C PRO A 370 -6.14 -25.76 -0.37
N TYR A 371 -5.90 -26.96 0.18
CA TYR A 371 -6.49 -27.38 1.44
C TYR A 371 -8.01 -27.24 1.33
N TYR A 372 -8.56 -27.63 0.16
CA TYR A 372 -9.96 -27.37 -0.17
C TYR A 372 -10.92 -28.08 0.81
N ASP A 373 -10.52 -29.25 1.32
CA ASP A 373 -11.34 -30.01 2.26
C ASP A 373 -11.86 -29.16 3.40
N ASN A 374 -11.07 -28.17 3.84
CA ASN A 374 -11.44 -27.36 4.99
C ASN A 374 -12.59 -26.38 4.68
N ILE A 375 -12.92 -26.13 3.39
CA ILE A 375 -13.97 -25.17 3.08
C ILE A 375 -15.10 -25.73 2.21
N LYS A 376 -15.01 -26.97 1.71
CA LYS A 376 -16.00 -27.47 0.76
C LYS A 376 -17.41 -27.60 1.34
N ASP A 377 -17.57 -27.55 2.68
CA ASP A 377 -18.88 -27.64 3.32
C ASP A 377 -19.52 -26.27 3.52
N TYR A 378 -18.77 -25.16 3.32
CA TYR A 378 -19.38 -23.84 3.31
C TYR A 378 -20.12 -23.62 1.98
N ASN A 379 -21.05 -22.66 1.94
CA ASN A 379 -21.69 -22.38 0.65
C ASN A 379 -20.65 -21.77 -0.29
N LYS A 380 -20.96 -21.75 -1.57
CA LYS A 380 -20.00 -21.48 -2.61
C LYS A 380 -19.57 -20.01 -2.60
N THR A 381 -20.51 -19.12 -2.23
CA THR A 381 -20.25 -17.69 -2.16
C THR A 381 -19.21 -17.42 -1.08
N ARG A 382 -19.36 -18.11 0.07
CA ARG A 382 -18.43 -17.94 1.17
C ARG A 382 -17.07 -18.53 0.80
N GLN A 383 -17.07 -19.69 0.14
CA GLN A 383 -15.85 -20.29 -0.38
C GLN A 383 -15.08 -19.26 -1.21
N ALA A 384 -15.81 -18.48 -2.00
CA ALA A 384 -15.17 -17.66 -3.01
C ALA A 384 -14.54 -16.44 -2.34
N LEU A 385 -15.23 -15.92 -1.33
CA LEU A 385 -14.78 -14.79 -0.55
C LEU A 385 -13.52 -15.16 0.25
N ILE A 386 -13.55 -16.31 0.92
CA ILE A 386 -12.40 -16.84 1.65
C ILE A 386 -11.22 -16.98 0.70
N LEU A 387 -11.43 -17.69 -0.41
CA LEU A 387 -10.37 -17.88 -1.38
C LEU A 387 -9.88 -16.53 -1.94
N ALA A 388 -10.81 -15.61 -2.20
CA ALA A 388 -10.44 -14.30 -2.73
C ALA A 388 -9.48 -13.56 -1.80
N ILE A 389 -9.77 -13.60 -0.50
CA ILE A 389 -9.03 -12.91 0.56
C ILE A 389 -7.66 -13.59 0.66
N ALA A 390 -7.63 -14.93 0.69
CA ALA A 390 -6.41 -15.70 0.84
C ALA A 390 -5.42 -15.46 -0.29
N ARG A 391 -5.95 -15.42 -1.51
CA ARG A 391 -5.16 -15.18 -2.70
C ARG A 391 -4.44 -13.84 -2.57
N GLN A 392 -5.17 -12.77 -2.26
CA GLN A 392 -4.58 -11.46 -2.07
C GLN A 392 -3.64 -11.42 -0.83
N GLU A 393 -4.02 -12.03 0.30
CA GLU A 393 -3.26 -11.87 1.54
C GLU A 393 -1.88 -12.55 1.45
N SER A 394 -1.82 -13.76 0.90
CA SER A 394 -0.67 -14.62 1.09
C SER A 394 -0.28 -15.40 -0.15
N ARG A 395 -1.11 -15.35 -1.21
CA ARG A 395 -1.00 -16.35 -2.27
C ARG A 395 -1.02 -17.76 -1.68
N PHE A 396 -1.76 -17.95 -0.57
CA PHE A 396 -1.95 -19.27 0.03
C PHE A 396 -0.68 -19.85 0.67
N ILE A 397 0.36 -19.02 0.98
CA ILE A 397 1.56 -19.51 1.66
C ILE A 397 1.21 -19.70 3.14
N PRO A 398 1.21 -20.93 3.70
CA PRO A 398 0.75 -21.17 5.07
C PRO A 398 1.50 -20.38 6.16
N THR A 399 2.83 -20.23 6.00
CA THR A 399 3.66 -19.50 6.96
C THR A 399 4.01 -18.07 6.52
N ALA A 400 3.12 -17.42 5.74
CA ALA A 400 3.34 -16.04 5.35
C ALA A 400 3.38 -15.16 6.59
N ILE A 401 4.31 -14.18 6.58
CA ILE A 401 4.44 -13.19 7.63
C ILE A 401 4.62 -11.80 7.00
N SER A 402 3.73 -10.88 7.33
CA SER A 402 3.86 -9.51 6.87
C SER A 402 4.81 -8.71 7.78
N VAL A 403 5.06 -7.46 7.36
CA VAL A 403 5.96 -6.54 8.06
C VAL A 403 5.34 -6.12 9.40
N SER A 404 4.01 -6.22 9.50
CA SER A 404 3.28 -5.98 10.75
C SER A 404 3.05 -7.29 11.52
N TYR A 405 3.72 -8.37 11.10
CA TYR A 405 3.64 -9.72 11.64
C TYR A 405 2.21 -10.28 11.63
N ALA A 406 1.45 -10.02 10.56
CA ALA A 406 0.22 -10.75 10.25
C ALA A 406 0.60 -12.15 9.79
N LEU A 407 -0.23 -13.16 10.12
CA LEU A 407 0.18 -14.56 10.09
C LEU A 407 -0.71 -15.48 9.22
N GLY A 408 -0.05 -16.33 8.44
CA GLY A 408 -0.64 -17.45 7.73
C GLY A 408 -1.39 -17.03 6.46
N MET A 409 -2.05 -17.99 5.82
CA MET A 409 -2.82 -17.79 4.60
C MET A 409 -3.82 -16.63 4.69
N MET A 410 -4.45 -16.39 5.85
CA MET A 410 -5.50 -15.38 5.95
C MET A 410 -5.00 -14.12 6.66
N GLN A 411 -3.67 -14.12 6.97
CA GLN A 411 -2.95 -12.95 7.43
C GLN A 411 -3.68 -12.26 8.58
N PHE A 412 -3.83 -13.00 9.69
CA PHE A 412 -4.36 -12.47 10.94
C PHE A 412 -3.30 -11.73 11.76
N MET A 413 -3.64 -10.51 12.21
CA MET A 413 -2.91 -9.84 13.25
C MET A 413 -2.99 -10.69 14.53
N PRO A 414 -1.89 -10.86 15.30
CA PRO A 414 -1.91 -11.72 16.51
C PRO A 414 -2.99 -11.37 17.54
N PHE A 415 -3.26 -10.07 17.73
CA PHE A 415 -4.27 -9.65 18.68
C PHE A 415 -5.60 -10.35 18.37
N LEU A 416 -6.08 -10.20 17.12
CA LEU A 416 -7.35 -10.78 16.71
C LEU A 416 -7.31 -12.30 16.79
N ALA A 417 -6.20 -12.88 16.33
CA ALA A 417 -6.03 -14.32 16.35
C ALA A 417 -6.14 -14.88 17.78
N ASN A 418 -5.56 -14.16 18.76
CA ASN A 418 -5.60 -14.55 20.17
C ASN A 418 -7.02 -14.33 20.71
N HIS A 419 -7.65 -13.19 20.41
CA HIS A 419 -9.03 -12.97 20.82
C HIS A 419 -9.95 -14.14 20.39
N ILE A 420 -9.95 -14.49 19.09
CA ILE A 420 -10.81 -15.55 18.55
C ILE A 420 -10.43 -16.89 19.18
N GLY A 421 -9.14 -17.23 19.19
CA GLY A 421 -8.67 -18.55 19.59
C GLY A 421 -8.79 -18.86 21.10
N GLU A 422 -8.53 -17.86 21.96
CA GLU A 422 -8.43 -18.05 23.40
C GLU A 422 -9.77 -17.68 24.04
N LYS A 423 -10.15 -16.41 23.89
CA LYS A 423 -11.41 -15.89 24.41
C LYS A 423 -12.62 -16.53 23.71
N GLU A 424 -12.76 -16.52 22.37
CA GLU A 424 -14.03 -16.93 21.76
C GLU A 424 -14.11 -18.44 21.66
N LEU A 425 -13.12 -19.10 21.04
CA LEU A 425 -13.26 -20.49 20.68
C LEU A 425 -12.66 -21.42 21.73
N LYS A 426 -12.04 -20.82 22.76
CA LYS A 426 -11.51 -21.52 23.93
C LYS A 426 -10.66 -22.73 23.52
N ILE A 427 -9.89 -22.60 22.42
CA ILE A 427 -9.10 -23.73 21.92
C ILE A 427 -8.04 -24.07 22.95
N PRO A 428 -7.90 -25.38 23.31
CA PRO A 428 -6.85 -25.83 24.24
C PRO A 428 -5.43 -25.60 23.72
N ASN A 429 -4.65 -24.85 24.53
CA ASN A 429 -3.25 -24.55 24.29
C ASN A 429 -3.06 -23.72 23.02
N PHE A 430 -4.01 -22.82 22.75
CA PHE A 430 -3.93 -21.96 21.59
C PHE A 430 -2.64 -21.17 21.68
N ASP A 431 -1.95 -21.15 20.55
CA ASP A 431 -0.88 -20.21 20.28
C ASP A 431 -1.19 -19.52 18.93
N GLN A 432 -0.85 -18.22 18.83
CA GLN A 432 -1.00 -17.43 17.59
C GLN A 432 -0.38 -18.14 16.38
N ASP A 433 0.69 -18.91 16.57
CA ASP A 433 1.29 -19.64 15.45
C ASP A 433 0.36 -20.71 14.85
N PHE A 434 -0.78 -20.98 15.49
CA PHE A 434 -1.80 -21.83 14.89
C PHE A 434 -2.35 -21.23 13.60
N MET A 435 -2.19 -19.91 13.39
CA MET A 435 -2.65 -19.25 12.19
C MET A 435 -1.93 -19.74 10.94
N PHE A 436 -0.81 -20.43 11.12
CA PHE A 436 -0.02 -21.02 10.06
C PHE A 436 -0.60 -22.35 9.59
N LYS A 437 -1.51 -22.92 10.37
CA LYS A 437 -2.23 -24.13 9.97
C LYS A 437 -3.38 -23.75 9.06
N PRO A 438 -3.45 -24.31 7.82
CA PRO A 438 -4.56 -24.05 6.90
C PRO A 438 -5.96 -24.22 7.52
N GLU A 439 -6.14 -25.28 8.31
CA GLU A 439 -7.45 -25.57 8.89
C GLU A 439 -7.87 -24.38 9.73
N ILE A 440 -6.88 -23.84 10.45
CA ILE A 440 -7.11 -22.78 11.41
C ILE A 440 -7.30 -21.46 10.68
N ALA A 441 -6.39 -21.17 9.73
CA ALA A 441 -6.50 -19.97 8.90
C ALA A 441 -7.91 -19.92 8.26
N TYR A 442 -8.33 -20.97 7.55
CA TYR A 442 -9.65 -20.96 6.89
C TYR A 442 -10.79 -20.82 7.91
N TYR A 443 -10.69 -21.55 9.04
CA TYR A 443 -11.71 -21.56 10.08
C TYR A 443 -11.85 -20.16 10.69
N PHE A 444 -10.71 -19.55 11.04
CA PHE A 444 -10.76 -18.23 11.64
C PHE A 444 -11.25 -17.22 10.61
N GLY A 445 -10.86 -17.44 9.34
CA GLY A 445 -11.23 -16.53 8.28
C GLY A 445 -12.74 -16.55 8.06
N ASN A 446 -13.31 -17.77 8.02
CA ASN A 446 -14.75 -17.93 7.96
C ASN A 446 -15.42 -17.16 9.10
N TYR A 447 -14.94 -17.41 10.33
CA TYR A 447 -15.51 -16.79 11.53
C TYR A 447 -15.47 -15.27 11.42
N HIS A 448 -14.31 -14.72 11.03
CA HIS A 448 -14.19 -13.27 10.99
C HIS A 448 -15.00 -12.70 9.83
N LEU A 449 -15.07 -13.42 8.70
CA LEU A 449 -15.87 -12.93 7.56
C LEU A 449 -17.36 -12.90 7.88
N ASN A 450 -17.90 -13.86 8.64
CA ASN A 450 -19.26 -13.77 9.17
C ASN A 450 -19.48 -12.48 9.93
N TYR A 451 -18.55 -12.15 10.82
CA TYR A 451 -18.70 -10.93 11.61
C TYR A 451 -18.84 -9.75 10.63
N LEU A 452 -18.00 -9.69 9.59
CA LEU A 452 -17.90 -8.49 8.75
C LEU A 452 -19.08 -8.36 7.77
N GLU A 453 -19.37 -9.48 7.10
CA GLU A 453 -20.44 -9.58 6.10
C GLU A 453 -21.82 -9.37 6.75
N SER A 454 -22.00 -9.89 7.97
CA SER A 454 -23.22 -9.62 8.71
C SER A 454 -23.49 -8.11 8.81
N ARG A 455 -22.46 -7.25 8.96
CA ARG A 455 -22.66 -5.80 9.12
C ARG A 455 -22.53 -5.01 7.81
N LEU A 456 -21.86 -5.56 6.78
CA LEU A 456 -21.43 -4.76 5.63
C LEU A 456 -22.06 -5.25 4.32
N LYS A 457 -22.29 -6.57 4.18
CA LYS A 457 -23.03 -7.18 3.08
C LYS A 457 -22.19 -7.32 1.79
N SER A 458 -21.88 -6.19 1.15
CA SER A 458 -21.05 -6.21 -0.05
C SER A 458 -19.69 -6.85 0.24
N PRO A 459 -19.21 -7.72 -0.67
CA PRO A 459 -17.87 -8.30 -0.54
C PRO A 459 -16.75 -7.28 -0.71
N LEU A 460 -17.02 -6.17 -1.43
CA LEU A 460 -16.03 -5.11 -1.56
C LEU A 460 -15.82 -4.44 -0.20
N PHE A 461 -16.93 -4.13 0.49
CA PHE A 461 -16.91 -3.50 1.79
C PHE A 461 -16.28 -4.44 2.84
N VAL A 462 -16.62 -5.72 2.80
CA VAL A 462 -15.96 -6.72 3.63
C VAL A 462 -14.45 -6.68 3.38
N ALA A 463 -14.05 -6.55 2.10
CA ALA A 463 -12.64 -6.57 1.73
C ALA A 463 -11.94 -5.39 2.41
N TYR A 464 -12.51 -4.20 2.26
CA TYR A 464 -11.97 -3.01 2.88
C TYR A 464 -11.82 -3.21 4.39
N ALA A 465 -12.88 -3.72 5.03
CA ALA A 465 -12.89 -3.86 6.48
C ALA A 465 -11.90 -4.93 6.90
N TYR A 466 -11.68 -5.97 6.07
CA TYR A 466 -10.76 -7.02 6.41
C TYR A 466 -9.31 -6.51 6.41
N ASN A 467 -8.99 -5.55 5.53
CA ASN A 467 -7.63 -5.05 5.40
C ASN A 467 -7.37 -3.91 6.39
N GLY A 468 -8.36 -3.03 6.58
CA GLY A 468 -8.16 -1.75 7.24
C GLY A 468 -9.02 -1.53 8.49
N GLY A 469 -9.80 -2.55 8.87
CA GLY A 469 -10.69 -2.50 10.01
C GLY A 469 -12.12 -2.03 9.68
N ILE A 470 -13.10 -2.54 10.46
CA ILE A 470 -14.51 -2.19 10.28
C ILE A 470 -14.75 -0.76 10.75
N GLY A 471 -13.89 -0.29 11.65
CA GLY A 471 -13.93 1.07 12.15
C GLY A 471 -13.86 2.06 10.99
N PHE A 472 -12.76 1.98 10.23
CA PHE A 472 -12.50 2.90 9.13
C PHE A 472 -13.52 2.72 8.02
N THR A 473 -14.01 1.48 7.81
CA THR A 473 -14.96 1.22 6.74
C THR A 473 -16.30 1.88 7.06
N ASN A 474 -16.79 1.69 8.31
CA ASN A 474 -18.05 2.28 8.78
C ASN A 474 -18.00 3.79 8.69
N ARG A 475 -16.84 4.39 9.00
CA ARG A 475 -16.71 5.84 8.93
C ARG A 475 -16.75 6.32 7.48
N MET A 476 -16.18 5.53 6.56
CA MET A 476 -16.18 5.95 5.16
C MET A 476 -17.59 5.86 4.60
N LEU A 477 -18.32 4.80 4.98
CA LEU A 477 -19.69 4.58 4.50
C LEU A 477 -20.70 5.50 5.17
N ALA A 478 -20.33 6.13 6.31
CA ALA A 478 -21.20 7.08 7.00
C ALA A 478 -21.22 8.44 6.28
N ARG A 479 -20.18 8.73 5.51
CA ARG A 479 -20.08 9.99 4.78
C ARG A 479 -21.09 10.05 3.64
N ASN A 480 -21.55 11.26 3.35
CA ASN A 480 -22.60 11.48 2.36
C ASN A 480 -22.00 11.58 0.96
N ASP A 481 -20.66 11.49 0.81
CA ASP A 481 -20.05 11.58 -0.50
C ASP A 481 -19.28 10.30 -0.87
N MET A 482 -19.66 9.14 -0.31
CA MET A 482 -18.97 7.88 -0.56
C MET A 482 -20.01 6.76 -0.62
N PHE A 483 -20.06 6.15 -1.81
CA PHE A 483 -20.89 5.00 -2.12
C PHE A 483 -22.38 5.35 -2.02
N LYS A 484 -22.69 6.56 -2.51
CA LYS A 484 -24.03 7.07 -2.69
C LYS A 484 -24.34 7.11 -4.18
N THR A 485 -25.48 7.74 -4.54
CA THR A 485 -25.91 7.85 -5.92
C THR A 485 -25.09 8.95 -6.60
N GLY A 486 -24.82 8.77 -7.90
CA GLY A 486 -24.18 9.78 -8.71
C GLY A 486 -23.84 9.24 -10.10
N LYS A 487 -23.64 10.16 -11.05
CA LYS A 487 -23.21 9.91 -12.40
C LYS A 487 -22.21 8.75 -12.49
N PHE A 488 -21.11 8.90 -11.73
CA PHE A 488 -19.90 8.10 -11.91
C PHE A 488 -19.69 7.12 -10.76
N GLU A 489 -20.76 6.88 -9.98
CA GLU A 489 -20.72 5.96 -8.85
C GLU A 489 -21.09 4.55 -9.29
N PRO A 490 -20.60 3.48 -8.62
CA PRO A 490 -19.74 3.58 -7.43
C PRO A 490 -18.25 3.72 -7.75
N PHE A 491 -17.91 3.87 -9.02
CA PHE A 491 -16.52 3.80 -9.47
C PHE A 491 -15.69 4.94 -8.86
N LEU A 492 -16.28 6.14 -8.75
CA LEU A 492 -15.57 7.32 -8.23
C LEU A 492 -15.20 7.10 -6.76
N SER A 493 -16.16 6.63 -5.96
CA SER A 493 -15.94 6.31 -4.56
C SER A 493 -14.77 5.33 -4.38
N MET A 494 -14.62 4.35 -5.30
CA MET A 494 -13.58 3.33 -5.19
C MET A 494 -12.18 3.93 -5.42
N GLU A 495 -12.14 5.10 -6.10
CA GLU A 495 -10.93 5.85 -6.31
C GLU A 495 -10.60 6.79 -5.12
N LEU A 496 -11.53 7.00 -4.18
CA LEU A 496 -11.39 8.01 -3.13
C LEU A 496 -11.35 7.38 -1.74
N VAL A 497 -11.16 6.06 -1.71
CA VAL A 497 -10.95 5.33 -0.48
C VAL A 497 -9.65 5.86 0.13
N PRO A 498 -9.75 6.46 1.36
CA PRO A 498 -8.69 7.31 1.88
C PRO A 498 -7.33 6.64 2.15
N TYR A 499 -7.23 5.31 2.24
CA TYR A 499 -5.93 4.63 2.35
C TYR A 499 -5.61 3.83 1.07
N GLN A 500 -4.48 4.18 0.45
CA GLN A 500 -4.05 3.61 -0.81
C GLN A 500 -4.03 2.08 -0.78
N GLU A 501 -3.53 1.50 0.31
CA GLU A 501 -3.43 0.06 0.41
C GLU A 501 -4.81 -0.61 0.35
N SER A 502 -5.81 -0.01 1.02
CA SER A 502 -7.16 -0.52 1.16
C SER A 502 -7.94 -0.35 -0.15
N ARG A 503 -7.72 0.78 -0.84
CA ARG A 503 -8.23 1.09 -2.17
C ARG A 503 -7.86 0.00 -3.17
N ILE A 504 -6.61 -0.44 -3.10
CA ILE A 504 -6.04 -1.38 -4.03
C ILE A 504 -6.50 -2.78 -3.64
N TYR A 505 -6.48 -3.06 -2.33
CA TYR A 505 -6.82 -4.37 -1.81
C TYR A 505 -8.22 -4.79 -2.29
N GLY A 506 -9.15 -3.84 -2.16
CA GLY A 506 -10.56 -4.07 -2.45
C GLY A 506 -10.83 -4.38 -3.94
N LYS A 507 -10.19 -3.64 -4.85
CA LYS A 507 -10.24 -3.87 -6.29
C LYS A 507 -9.77 -5.27 -6.65
N LYS A 508 -8.68 -5.68 -6.02
CA LYS A 508 -8.08 -6.96 -6.29
C LYS A 508 -8.92 -8.09 -5.73
N VAL A 509 -9.38 -7.91 -4.49
CA VAL A 509 -10.13 -8.97 -3.81
C VAL A 509 -11.45 -9.19 -4.57
N LEU A 510 -12.08 -8.11 -5.01
CA LEU A 510 -13.29 -8.14 -5.80
C LEU A 510 -13.13 -8.92 -7.13
N ALA A 511 -12.11 -8.64 -7.96
CA ALA A 511 -11.78 -9.49 -9.10
C ALA A 511 -11.64 -10.96 -8.68
N ASN A 512 -10.95 -11.21 -7.56
CA ASN A 512 -10.66 -12.58 -7.15
C ASN A 512 -11.99 -13.28 -6.87
N TYR A 513 -12.88 -12.56 -6.19
CA TYR A 513 -14.18 -13.07 -5.78
C TYR A 513 -14.99 -13.46 -7.01
N ILE A 514 -15.08 -12.56 -7.99
CA ILE A 514 -15.78 -12.83 -9.24
C ILE A 514 -15.23 -14.11 -9.87
N VAL A 515 -13.89 -14.19 -9.94
CA VAL A 515 -13.27 -15.33 -10.59
C VAL A 515 -13.62 -16.64 -9.88
N TYR A 516 -13.51 -16.65 -8.54
CA TYR A 516 -13.65 -17.90 -7.81
C TYR A 516 -15.11 -18.35 -7.84
N ARG A 517 -16.05 -17.40 -7.77
CA ARG A 517 -17.46 -17.69 -7.92
C ARG A 517 -17.70 -18.38 -9.26
N HIS A 518 -17.09 -17.86 -10.32
CA HIS A 518 -17.16 -18.49 -11.62
C HIS A 518 -16.63 -19.92 -11.62
N LEU A 519 -15.39 -20.13 -11.15
CA LEU A 519 -14.79 -21.45 -11.09
C LEU A 519 -15.60 -22.42 -10.25
N LEU A 520 -16.32 -21.94 -9.24
CA LEU A 520 -17.14 -22.82 -8.41
C LEU A 520 -18.55 -23.04 -8.97
N ASN A 521 -18.81 -22.65 -10.24
CA ASN A 521 -20.15 -22.72 -10.83
C ASN A 521 -21.19 -22.00 -9.99
N ASP A 522 -20.83 -20.80 -9.54
CA ASP A 522 -21.74 -19.96 -8.77
C ASP A 522 -21.60 -18.51 -9.24
N SER A 523 -21.55 -18.36 -10.55
CA SER A 523 -21.34 -17.10 -11.24
C SER A 523 -22.19 -15.99 -10.67
N ILE A 524 -21.66 -14.77 -10.73
CA ILE A 524 -22.46 -13.58 -10.56
C ILE A 524 -21.90 -12.55 -11.51
N LYS A 525 -22.81 -11.73 -12.02
CA LYS A 525 -22.50 -10.59 -12.88
C LYS A 525 -21.89 -9.49 -12.03
N ILE A 526 -20.73 -8.97 -12.47
CA ILE A 526 -20.03 -7.93 -11.73
C ILE A 526 -20.87 -6.65 -11.74
N SER A 527 -21.72 -6.50 -12.75
CA SER A 527 -22.62 -5.35 -12.78
C SER A 527 -23.60 -5.41 -11.60
N ASP A 528 -23.93 -6.62 -11.11
CA ASP A 528 -24.86 -6.69 -9.98
C ASP A 528 -24.15 -6.22 -8.70
N ILE A 529 -22.88 -6.62 -8.57
CA ILE A 529 -22.04 -6.26 -7.45
C ILE A 529 -21.96 -4.74 -7.37
N PHE A 530 -21.71 -4.11 -8.53
CA PHE A 530 -21.60 -2.66 -8.61
C PHE A 530 -22.91 -1.96 -8.23
N GLU A 531 -24.05 -2.51 -8.65
CA GLU A 531 -25.34 -1.95 -8.30
C GLU A 531 -25.56 -1.95 -6.78
N ASN A 532 -25.19 -3.06 -6.12
CA ASN A 532 -25.35 -3.22 -4.67
C ASN A 532 -24.38 -2.35 -3.85
N LEU A 533 -23.48 -1.57 -4.50
CA LEU A 533 -22.59 -0.67 -3.76
C LEU A 533 -23.25 0.68 -3.52
N ILE A 534 -24.38 0.99 -4.15
CA ILE A 534 -24.87 2.37 -4.07
C ILE A 534 -25.66 2.65 -2.77
#